data_3W8H
#
_entry.id   3W8H
#
_cell.length_a   68.560
_cell.length_b   68.560
_cell.length_c   229.270
_cell.angle_alpha   90.00
_cell.angle_beta   90.00
_cell.angle_gamma   120.00
#
_symmetry.space_group_name_H-M   'P 65 2 2'
#
loop_
_entity.id
_entity.type
_entity.pdbx_description
1 polymer 'Programmed cell death protein 10'
2 polymer 'Serine/threonine-protein kinase 25'
3 non-polymer 'SULFATE ION'
4 water water
#
loop_
_entity_poly.entity_id
_entity_poly.type
_entity_poly.pdbx_seq_one_letter_code
_entity_poly.pdbx_strand_id
1 'polypeptide(L)'
;MKNEAETTSMVSMPLYAVMYPVFNELERVNLSAAQTLRAAFIKAEKENPGLTQDIIMKILEKKSVEVNFTESLLRMAADD
VEEYMIERPEPEFQDLNEKARALKQILSKIPDEINDRVRFLQTIKDIASAIKELLDTVNNVFKKYQYQNRRALEHQKKEF
VKYSKSFSDTLKTYFKDGKAINVFVSANRLIHQTNLILQTFKTVALEHHHHHH
;
A
2 'polypeptide(L)' GPGSEFSQCLSTLVRPVFGELKEKHKQSGGSVGALEELENAFSLAEESCPGISDKLMVHLVERVQRFSHNRNHLTSTR B
#
loop_
_chem_comp.id
_chem_comp.type
_chem_comp.name
_chem_comp.formula
SO4 non-polymer 'SULFATE ION' 'O4 S -2'
#
# COMPACT_ATOMS: atom_id res chain seq x y z
N THR A 8 5.16 -13.45 4.70
CA THR A 8 6.04 -12.68 3.83
C THR A 8 6.45 -11.37 4.50
N SER A 9 7.52 -10.76 4.02
CA SER A 9 8.10 -9.59 4.65
C SER A 9 7.19 -8.37 4.64
N MET A 10 7.45 -7.43 5.54
CA MET A 10 6.71 -6.17 5.58
C MET A 10 7.32 -5.20 4.56
N VAL A 11 6.47 -4.70 3.66
CA VAL A 11 6.94 -3.80 2.61
C VAL A 11 6.26 -2.44 2.70
N SER A 12 6.71 -1.51 1.86
CA SER A 12 6.17 -0.16 1.88
C SER A 12 4.76 -0.12 1.33
N MET A 13 3.96 0.84 1.81
CA MET A 13 2.55 0.95 1.44
C MET A 13 2.24 1.04 -0.07
N PRO A 14 3.01 1.85 -0.83
CA PRO A 14 2.73 1.86 -2.27
C PRO A 14 2.79 0.47 -2.91
N LEU A 15 3.74 -0.34 -2.46
CA LEU A 15 3.89 -1.70 -2.98
C LEU A 15 2.65 -2.55 -2.69
N TYR A 16 2.32 -2.73 -1.43
CA TYR A 16 1.24 -3.66 -1.05
C TYR A 16 -0.17 -3.14 -1.30
N ALA A 17 -0.32 -1.81 -1.36
CA ALA A 17 -1.64 -1.21 -1.54
C ALA A 17 -1.92 -0.88 -2.99
N VAL A 18 -0.88 -0.63 -3.78
CA VAL A 18 -1.09 -0.32 -5.19
C VAL A 18 -0.69 -1.48 -6.11
N MET A 19 0.51 -2.03 -5.91
CA MET A 19 1.05 -3.03 -6.82
C MET A 19 0.61 -4.47 -6.53
N TYR A 20 0.58 -4.84 -5.24
CA TYR A 20 0.14 -6.18 -4.85
C TYR A 20 -1.21 -6.61 -5.46
N PRO A 21 -2.24 -5.75 -5.40
CA PRO A 21 -3.49 -6.13 -6.06
C PRO A 21 -3.33 -6.31 -7.57
N VAL A 22 -2.49 -5.48 -8.18
CA VAL A 22 -2.23 -5.57 -9.61
C VAL A 22 -1.59 -6.92 -9.96
N PHE A 23 -0.63 -7.34 -9.12
CA PHE A 23 0.01 -8.63 -9.29
C PHE A 23 -1.00 -9.76 -9.11
N ASN A 24 -1.88 -9.60 -8.13
CA ASN A 24 -2.91 -10.60 -7.86
C ASN A 24 -3.87 -10.77 -9.04
N GLU A 25 -4.13 -9.67 -9.74
CA GLU A 25 -5.03 -9.70 -10.88
C GLU A 25 -4.36 -10.28 -12.12
N LEU A 26 -3.03 -10.12 -12.19
CA LEU A 26 -2.26 -10.64 -13.31
C LEU A 26 -2.05 -12.15 -13.18
N GLU A 27 -2.45 -12.70 -12.05
CA GLU A 27 -2.33 -14.13 -11.77
C GLU A 27 -3.05 -14.96 -12.83
N ARG A 28 -4.26 -14.53 -13.18
CA ARG A 28 -5.10 -15.26 -14.12
C ARG A 28 -4.51 -15.27 -15.53
N VAL A 29 -3.90 -14.15 -15.92
CA VAL A 29 -3.27 -14.05 -17.23
C VAL A 29 -2.09 -15.00 -17.34
N ASN A 30 -1.17 -14.90 -16.39
CA ASN A 30 -0.01 -15.78 -16.32
C ASN A 30 0.58 -15.76 -14.93
N LEU A 31 0.45 -16.87 -14.21
CA LEU A 31 0.91 -16.97 -12.82
C LEU A 31 2.42 -16.73 -12.69
N SER A 32 3.20 -17.37 -13.55
CA SER A 32 4.65 -17.27 -13.50
C SER A 32 5.17 -15.85 -13.66
N ALA A 33 4.69 -15.16 -14.69
CA ALA A 33 5.10 -13.79 -14.96
C ALA A 33 4.71 -12.86 -13.81
N ALA A 34 3.52 -13.07 -13.27
CA ALA A 34 3.03 -12.28 -12.14
C ALA A 34 3.93 -12.47 -10.92
N GLN A 35 4.29 -13.72 -10.65
CA GLN A 35 5.17 -14.03 -9.52
C GLN A 35 6.56 -13.41 -9.71
N THR A 36 7.06 -13.47 -10.94
CA THR A 36 8.36 -12.88 -11.27
C THR A 36 8.36 -11.37 -11.04
N LEU A 37 7.37 -10.69 -11.59
CA LEU A 37 7.22 -9.25 -11.43
C LEU A 37 7.08 -8.87 -9.96
N ARG A 38 6.29 -9.65 -9.23
CA ARG A 38 6.07 -9.40 -7.80
C ARG A 38 7.38 -9.49 -7.02
N ALA A 39 8.07 -10.60 -7.19
CA ALA A 39 9.34 -10.84 -6.49
C ALA A 39 10.38 -9.77 -6.83
N ALA A 40 10.50 -9.45 -8.11
CA ALA A 40 11.44 -8.43 -8.56
C ALA A 40 11.11 -7.06 -7.99
N PHE A 41 9.82 -6.77 -7.87
CA PHE A 41 9.37 -5.52 -7.27
C PHE A 41 9.73 -5.46 -5.80
N ILE A 42 9.50 -6.55 -5.08
CA ILE A 42 9.84 -6.63 -3.66
C ILE A 42 11.35 -6.43 -3.45
N LYS A 43 12.14 -7.12 -4.26
CA LYS A 43 13.60 -7.04 -4.15
C LYS A 43 14.13 -5.65 -4.47
N ALA A 44 13.63 -5.06 -5.56
CA ALA A 44 14.06 -3.72 -5.98
C ALA A 44 13.64 -2.66 -4.95
N GLU A 45 12.45 -2.84 -4.38
CA GLU A 45 11.96 -1.94 -3.35
C GLU A 45 12.84 -2.05 -2.10
N LYS A 46 13.25 -3.28 -1.77
CA LYS A 46 14.13 -3.51 -0.64
C LYS A 46 15.50 -2.86 -0.86
N GLU A 47 16.00 -2.93 -2.10
CA GLU A 47 17.28 -2.33 -2.44
C GLU A 47 17.23 -0.81 -2.39
N ASN A 48 16.15 -0.25 -2.91
CA ASN A 48 15.96 1.20 -2.92
C ASN A 48 14.55 1.57 -2.48
N PRO A 49 14.35 1.74 -1.17
CA PRO A 49 13.04 2.09 -0.60
C PRO A 49 12.44 3.35 -1.23
N GLY A 50 11.19 3.26 -1.66
CA GLY A 50 10.52 4.37 -2.31
C GLY A 50 10.53 4.24 -3.82
N LEU A 51 11.12 3.15 -4.31
CA LEU A 51 11.22 2.91 -5.75
C LEU A 51 9.83 2.77 -6.37
N THR A 52 8.99 1.95 -5.75
CA THR A 52 7.65 1.67 -6.27
C THR A 52 6.82 2.94 -6.43
N GLN A 53 6.85 3.79 -5.41
CA GLN A 53 6.12 5.06 -5.45
C GLN A 53 6.58 5.93 -6.62
N ASP A 54 7.89 5.97 -6.85
CA ASP A 54 8.45 6.75 -7.94
C ASP A 54 8.05 6.18 -9.31
N ILE A 55 8.05 4.85 -9.41
CA ILE A 55 7.65 4.19 -10.64
C ILE A 55 6.20 4.54 -10.97
N ILE A 56 5.33 4.39 -9.97
CA ILE A 56 3.93 4.75 -10.11
C ILE A 56 3.74 6.21 -10.51
N MET A 57 4.40 7.10 -9.78
CA MET A 57 4.28 8.54 -10.02
C MET A 57 4.74 8.95 -11.42
N LYS A 58 5.87 8.40 -11.86
CA LYS A 58 6.40 8.73 -13.17
C LYS A 58 5.54 8.14 -14.28
N ILE A 59 5.00 6.95 -14.03
CA ILE A 59 4.08 6.33 -14.99
C ILE A 59 2.82 7.19 -15.17
N LEU A 60 2.20 7.57 -14.05
CA LEU A 60 1.01 8.41 -14.10
C LEU A 60 1.31 9.77 -14.74
N GLU A 61 2.51 10.28 -14.45
CA GLU A 61 2.97 11.54 -15.01
C GLU A 61 3.05 11.47 -16.53
N LYS A 62 3.62 10.39 -17.03
CA LYS A 62 3.79 10.22 -18.48
C LYS A 62 2.48 9.94 -19.20
N LYS A 63 1.51 9.37 -18.49
CA LYS A 63 0.20 9.08 -19.07
C LYS A 63 -0.77 10.24 -18.83
N SER A 64 -0.26 11.33 -18.27
CA SER A 64 -1.03 12.52 -17.97
C SER A 64 -2.23 12.27 -17.06
N VAL A 65 -2.06 11.34 -16.12
CA VAL A 65 -3.09 11.07 -15.11
C VAL A 65 -2.78 11.86 -13.85
N GLU A 66 -3.58 12.89 -13.59
CA GLU A 66 -3.34 13.78 -12.47
C GLU A 66 -4.11 13.34 -11.23
N VAL A 67 -3.37 13.00 -10.17
CA VAL A 67 -3.98 12.61 -8.90
C VAL A 67 -3.20 13.16 -7.71
N ASN A 68 -3.88 13.28 -6.57
CA ASN A 68 -3.19 13.49 -5.31
C ASN A 68 -2.87 12.13 -4.72
N PHE A 69 -1.59 11.75 -4.75
CA PHE A 69 -1.20 10.37 -4.50
C PHE A 69 -1.42 9.88 -3.06
N THR A 70 -1.29 10.78 -2.09
CA THR A 70 -1.46 10.39 -0.69
C THR A 70 -2.92 10.02 -0.40
N GLU A 71 -3.82 10.84 -0.90
CA GLU A 71 -5.26 10.63 -0.75
C GLU A 71 -5.69 9.32 -1.41
N SER A 72 -5.30 9.14 -2.66
CA SER A 72 -5.58 7.92 -3.41
C SER A 72 -4.97 6.71 -2.73
N LEU A 73 -3.79 6.89 -2.14
CA LEU A 73 -3.12 5.81 -1.41
C LEU A 73 -3.95 5.44 -0.19
N LEU A 74 -4.51 6.44 0.48
CA LEU A 74 -5.37 6.21 1.63
C LEU A 74 -6.57 5.39 1.21
N ARG A 75 -7.17 5.75 0.09
CA ARG A 75 -8.32 4.99 -0.41
C ARG A 75 -7.95 3.56 -0.81
N MET A 76 -6.77 3.38 -1.39
CA MET A 76 -6.33 2.07 -1.87
C MET A 76 -5.87 1.16 -0.73
N ALA A 77 -5.50 1.76 0.40
CA ALA A 77 -4.98 1.00 1.54
C ALA A 77 -6.07 0.25 2.29
N ALA A 78 -7.33 0.47 1.90
CA ALA A 78 -8.45 -0.20 2.54
C ALA A 78 -8.40 -1.70 2.29
N ASP A 79 -8.02 -2.07 1.06
CA ASP A 79 -8.00 -3.46 0.63
C ASP A 79 -7.10 -4.35 1.48
N ASP A 80 -7.50 -5.60 1.63
CA ASP A 80 -6.71 -6.58 2.35
C ASP A 80 -5.36 -6.79 1.69
N VAL A 81 -4.34 -7.04 2.51
CA VAL A 81 -3.07 -7.53 2.00
C VAL A 81 -3.03 -9.02 2.30
N GLU A 82 -3.16 -9.82 1.25
CA GLU A 82 -3.28 -11.28 1.38
C GLU A 82 -2.13 -11.90 2.16
N GLU A 83 -0.93 -11.39 1.93
CA GLU A 83 0.27 -11.93 2.59
C GLU A 83 0.34 -11.60 4.08
N TYR A 84 -0.50 -10.67 4.53
CA TYR A 84 -0.53 -10.32 5.95
C TYR A 84 -1.74 -10.92 6.64
N MET A 85 -2.61 -11.57 5.87
CA MET A 85 -3.79 -12.22 6.41
C MET A 85 -3.42 -13.55 7.10
N ILE A 86 -3.88 -13.71 8.33
CA ILE A 86 -3.65 -14.95 9.06
C ILE A 86 -4.54 -16.05 8.52
N GLU A 87 -3.95 -17.18 8.16
CA GLU A 87 -4.68 -18.29 7.57
C GLU A 87 -5.24 -19.25 8.62
N ARG A 88 -4.76 -19.11 9.85
CA ARG A 88 -5.19 -19.95 10.97
C ARG A 88 -6.70 -19.86 11.16
N PRO A 89 -7.37 -21.01 11.31
CA PRO A 89 -8.83 -21.09 11.38
C PRO A 89 -9.43 -20.69 12.74
N GLU A 90 -8.62 -20.64 13.79
CA GLU A 90 -9.12 -20.30 15.12
C GLU A 90 -9.77 -18.92 15.15
N PRO A 91 -10.91 -18.80 15.85
CA PRO A 91 -11.76 -17.61 15.91
C PRO A 91 -11.02 -16.32 16.26
N GLU A 92 -10.05 -16.39 17.17
CA GLU A 92 -9.35 -15.20 17.63
C GLU A 92 -8.56 -14.52 16.50
N PHE A 93 -7.87 -15.33 15.70
CA PHE A 93 -7.05 -14.82 14.62
C PHE A 93 -7.89 -14.25 13.47
N GLN A 94 -8.98 -14.94 13.14
CA GLN A 94 -9.91 -14.45 12.14
C GLN A 94 -10.56 -13.15 12.60
N ASP A 95 -10.84 -13.06 13.89
CA ASP A 95 -11.34 -11.82 14.49
C ASP A 95 -10.31 -10.71 14.37
N LEU A 96 -9.04 -11.07 14.51
CA LEU A 96 -7.95 -10.11 14.37
C LEU A 96 -7.94 -9.55 12.95
N ASN A 97 -8.01 -10.45 11.96
CA ASN A 97 -8.13 -10.06 10.55
C ASN A 97 -9.32 -9.12 10.35
N GLU A 98 -10.46 -9.48 10.92
CA GLU A 98 -11.68 -8.71 10.79
C GLU A 98 -11.58 -7.29 11.35
N LYS A 99 -11.03 -7.18 12.56
CA LYS A 99 -10.90 -5.87 13.20
C LYS A 99 -9.90 -4.99 12.49
N ALA A 100 -8.78 -5.58 12.08
CA ALA A 100 -7.78 -4.87 11.29
C ALA A 100 -8.44 -4.31 10.03
N ARG A 101 -9.16 -5.17 9.33
CA ARG A 101 -9.86 -4.78 8.11
C ARG A 101 -10.84 -3.65 8.39
N ALA A 102 -11.61 -3.77 9.45
CA ALA A 102 -12.60 -2.75 9.81
C ALA A 102 -11.96 -1.38 10.03
N LEU A 103 -10.88 -1.35 10.81
CA LEU A 103 -10.17 -0.11 11.06
C LEU A 103 -9.62 0.50 9.76
N LYS A 104 -9.01 -0.33 8.93
CA LYS A 104 -8.47 0.16 7.66
C LYS A 104 -9.57 0.73 6.76
N GLN A 105 -10.68 0.02 6.68
CA GLN A 105 -11.83 0.42 5.87
C GLN A 105 -12.40 1.76 6.34
N ILE A 106 -12.54 1.94 7.64
CA ILE A 106 -13.09 3.20 8.15
C ILE A 106 -12.09 4.35 8.01
N LEU A 107 -10.80 4.08 8.17
CA LEU A 107 -9.78 5.09 7.99
C LEU A 107 -9.70 5.54 6.53
N SER A 108 -9.99 4.63 5.61
CA SER A 108 -9.94 4.95 4.19
C SER A 108 -11.11 5.82 3.72
N LYS A 109 -12.11 5.98 4.58
CA LYS A 109 -13.28 6.78 4.25
C LYS A 109 -13.05 8.28 4.48
N ILE A 110 -11.95 8.60 5.14
CA ILE A 110 -11.61 9.99 5.47
C ILE A 110 -11.62 10.99 4.30
N PRO A 111 -10.97 10.65 3.16
CA PRO A 111 -10.97 11.61 2.05
C PRO A 111 -12.36 11.94 1.51
N ASP A 112 -13.28 10.97 1.58
CA ASP A 112 -14.63 11.15 1.05
C ASP A 112 -15.52 11.91 2.01
N GLU A 113 -15.03 12.15 3.22
CA GLU A 113 -15.87 12.67 4.30
C GLU A 113 -15.34 13.95 4.95
N ILE A 114 -14.06 14.23 4.77
CA ILE A 114 -13.39 15.29 5.53
C ILE A 114 -13.91 16.70 5.24
N ASN A 115 -14.48 16.91 4.05
CA ASN A 115 -14.97 18.24 3.68
C ASN A 115 -16.30 18.58 4.36
N ASP A 116 -17.08 17.57 4.69
CA ASP A 116 -18.34 17.78 5.42
C ASP A 116 -18.13 17.49 6.90
N ARG A 117 -18.27 18.52 7.73
CA ARG A 117 -17.96 18.44 9.15
C ARG A 117 -18.75 17.36 9.90
N VAL A 118 -20.06 17.28 9.64
CA VAL A 118 -20.92 16.31 10.30
C VAL A 118 -20.51 14.88 10.01
N ARG A 119 -20.48 14.53 8.72
CA ARG A 119 -20.10 13.20 8.30
C ARG A 119 -18.67 12.87 8.73
N PHE A 120 -17.83 13.89 8.79
CA PHE A 120 -16.45 13.70 9.24
C PHE A 120 -16.42 13.32 10.72
N LEU A 121 -17.23 14.00 11.53
CA LEU A 121 -17.30 13.70 12.95
C LEU A 121 -17.84 12.29 13.18
N GLN A 122 -18.85 11.90 12.41
CA GLN A 122 -19.37 10.54 12.48
C GLN A 122 -18.30 9.52 12.13
N THR A 123 -17.56 9.81 11.06
CA THR A 123 -16.46 8.96 10.61
C THR A 123 -15.42 8.80 11.71
N ILE A 124 -15.11 9.91 12.38
CA ILE A 124 -14.16 9.90 13.48
C ILE A 124 -14.64 9.02 14.63
N LYS A 125 -15.93 9.11 14.94
CA LYS A 125 -16.54 8.25 15.95
C LYS A 125 -16.35 6.77 15.60
N ASP A 126 -16.69 6.43 14.35
CA ASP A 126 -16.54 5.06 13.87
C ASP A 126 -15.08 4.60 13.94
N ILE A 127 -14.15 5.51 13.65
CA ILE A 127 -12.73 5.23 13.72
C ILE A 127 -12.33 4.86 15.15
N ALA A 128 -12.77 5.68 16.12
CA ALA A 128 -12.52 5.40 17.53
C ALA A 128 -13.01 4.00 17.90
N SER A 129 -14.26 3.72 17.52
CA SER A 129 -14.86 2.41 17.79
C SER A 129 -14.02 1.26 17.23
N ALA A 130 -13.61 1.39 15.98
CA ALA A 130 -12.80 0.37 15.32
C ALA A 130 -11.45 0.18 16.04
N ILE A 131 -10.87 1.30 16.46
CA ILE A 131 -9.59 1.26 17.17
C ILE A 131 -9.71 0.50 18.49
N LYS A 132 -10.71 0.82 19.30
CA LYS A 132 -10.86 0.09 20.56
C LYS A 132 -11.24 -1.38 20.36
N GLU A 133 -12.02 -1.67 19.32
CA GLU A 133 -12.33 -3.07 19.00
C GLU A 133 -11.05 -3.85 18.67
N LEU A 134 -10.23 -3.30 17.78
CA LEU A 134 -8.97 -3.93 17.41
C LEU A 134 -8.04 -4.07 18.62
N LEU A 135 -8.05 -3.07 19.49
CA LEU A 135 -7.24 -3.11 20.70
C LEU A 135 -7.65 -4.27 21.61
N ASP A 136 -8.95 -4.37 21.86
CA ASP A 136 -9.49 -5.46 22.67
C ASP A 136 -9.15 -6.82 22.09
N THR A 137 -9.30 -6.95 20.77
CA THR A 137 -8.98 -8.20 20.09
C THR A 137 -7.50 -8.55 20.23
N VAL A 138 -6.63 -7.58 19.98
CA VAL A 138 -5.19 -7.77 20.10
C VAL A 138 -4.79 -8.22 21.50
N ASN A 139 -5.26 -7.48 22.52
CA ASN A 139 -4.96 -7.84 23.90
C ASN A 139 -5.54 -9.20 24.29
N ASN A 140 -6.65 -9.57 23.65
CA ASN A 140 -7.27 -10.85 23.92
C ASN A 140 -6.47 -12.02 23.35
N VAL A 141 -5.96 -11.84 22.14
CA VAL A 141 -5.19 -12.89 21.45
C VAL A 141 -3.92 -13.28 22.22
N PHE A 142 -3.36 -12.34 22.97
CA PHE A 142 -2.14 -12.57 23.74
C PHE A 142 -2.22 -13.82 24.63
N LYS A 143 -1.84 -14.96 24.06
CA LYS A 143 -1.83 -16.22 24.79
C LYS A 143 -0.43 -16.81 24.87
N ARG A 151 6.38 -9.98 23.90
CA ARG A 151 7.67 -9.91 23.22
C ARG A 151 7.68 -8.77 22.21
N ALA A 152 7.80 -9.11 20.93
CA ALA A 152 7.73 -8.13 19.86
C ALA A 152 6.27 -7.74 19.63
N LEU A 153 5.37 -8.66 20.00
CA LEU A 153 3.93 -8.42 19.90
C LEU A 153 3.52 -7.24 20.75
N GLU A 154 3.96 -7.24 22.01
CA GLU A 154 3.64 -6.17 22.94
C GLU A 154 4.19 -4.83 22.43
N HIS A 155 5.40 -4.87 21.88
CA HIS A 155 6.02 -3.67 21.32
C HIS A 155 5.19 -3.12 20.17
N GLN A 156 4.72 -4.01 19.29
CA GLN A 156 3.89 -3.58 18.17
C GLN A 156 2.54 -3.04 18.64
N LYS A 157 2.03 -3.60 19.73
CA LYS A 157 0.79 -3.11 20.33
C LYS A 157 0.98 -1.68 20.82
N LYS A 158 2.06 -1.47 21.56
CA LYS A 158 2.39 -0.14 22.07
C LYS A 158 2.58 0.86 20.93
N GLU A 159 3.24 0.42 19.86
CA GLU A 159 3.41 1.24 18.68
C GLU A 159 2.05 1.63 18.09
N PHE A 160 1.15 0.64 17.99
CA PHE A 160 -0.19 0.88 17.49
C PHE A 160 -0.92 1.95 18.30
N VAL A 161 -0.87 1.81 19.63
CA VAL A 161 -1.48 2.78 20.52
C VAL A 161 -0.89 4.18 20.31
N LYS A 162 0.44 4.23 20.18
CA LYS A 162 1.14 5.49 19.91
C LYS A 162 0.65 6.16 18.62
N TYR A 163 0.48 5.37 17.56
CA TYR A 163 -0.01 5.90 16.29
C TYR A 163 -1.48 6.34 16.36
N SER A 164 -2.25 5.66 17.20
CA SER A 164 -3.63 6.06 17.46
C SER A 164 -3.67 7.45 18.08
N LYS A 165 -2.88 7.61 19.15
CA LYS A 165 -2.77 8.89 19.85
C LYS A 165 -2.31 10.00 18.90
N SER A 166 -1.29 9.69 18.11
CA SER A 166 -0.75 10.64 17.13
C SER A 166 -1.82 11.05 16.13
N PHE A 167 -2.63 10.09 15.70
CA PHE A 167 -3.73 10.37 14.78
C PHE A 167 -4.73 11.33 15.40
N SER A 168 -5.05 11.11 16.68
CA SER A 168 -5.95 12.00 17.40
C SER A 168 -5.41 13.43 17.44
N ASP A 169 -4.13 13.57 17.81
CA ASP A 169 -3.48 14.87 17.83
C ASP A 169 -3.56 15.54 16.45
N THR A 170 -3.36 14.73 15.40
CA THR A 170 -3.48 15.22 14.04
C THR A 170 -4.89 15.75 13.76
N LEU A 171 -5.90 15.06 14.27
CA LEU A 171 -7.28 15.52 14.14
C LEU A 171 -7.46 16.90 14.79
N LYS A 172 -6.95 17.04 16.01
CA LYS A 172 -7.01 18.33 16.70
C LYS A 172 -6.37 19.45 15.86
N THR A 173 -5.14 19.21 15.43
CA THR A 173 -4.41 20.19 14.62
C THR A 173 -5.16 20.54 13.33
N TYR A 174 -5.80 19.55 12.73
CA TYR A 174 -6.62 19.79 11.54
C TYR A 174 -7.78 20.72 11.86
N PHE A 175 -8.50 20.41 12.93
CA PHE A 175 -9.62 21.25 13.35
C PHE A 175 -9.15 22.65 13.72
N LYS A 176 -7.85 22.80 13.95
CA LYS A 176 -7.27 24.13 14.12
C LYS A 176 -6.99 24.84 12.80
N ASP A 177 -6.12 24.26 11.97
CA ASP A 177 -5.65 24.95 10.76
C ASP A 177 -6.36 24.56 9.45
N GLY A 178 -6.86 23.33 9.39
CA GLY A 178 -7.62 22.90 8.23
C GLY A 178 -6.82 22.28 7.10
N LYS A 179 -5.67 21.69 7.42
CA LYS A 179 -4.87 20.97 6.43
C LYS A 179 -5.24 19.49 6.41
N ALA A 180 -5.88 19.05 5.34
CA ALA A 180 -6.36 17.68 5.22
C ALA A 180 -5.23 16.67 5.01
N ILE A 181 -4.18 17.12 4.33
CA ILE A 181 -3.07 16.24 3.94
C ILE A 181 -2.40 15.59 5.16
N ASN A 182 -2.30 16.34 6.25
CA ASN A 182 -1.71 15.82 7.48
C ASN A 182 -2.55 14.68 8.05
N VAL A 183 -3.87 14.84 7.98
CA VAL A 183 -4.81 13.80 8.40
C VAL A 183 -4.65 12.56 7.54
N PHE A 184 -4.54 12.77 6.23
CA PHE A 184 -4.36 11.65 5.30
C PHE A 184 -3.09 10.87 5.62
N VAL A 185 -2.00 11.59 5.80
CA VAL A 185 -0.70 10.98 6.13
C VAL A 185 -0.76 10.21 7.45
N SER A 186 -1.38 10.81 8.46
CA SER A 186 -1.49 10.16 9.76
C SER A 186 -2.33 8.89 9.69
N ALA A 187 -3.43 8.95 8.95
CA ALA A 187 -4.29 7.79 8.76
C ALA A 187 -3.55 6.68 8.02
N ASN A 188 -2.74 7.05 7.05
CA ASN A 188 -1.88 6.09 6.35
C ASN A 188 -0.89 5.43 7.30
N ARG A 189 -0.30 6.24 8.19
CA ARG A 189 0.61 5.72 9.18
C ARG A 189 -0.07 4.69 10.10
N LEU A 190 -1.27 5.03 10.56
CA LEU A 190 -2.04 4.12 11.41
C LEU A 190 -2.40 2.82 10.68
N ILE A 191 -2.81 2.94 9.43
CA ILE A 191 -3.11 1.76 8.61
C ILE A 191 -1.88 0.86 8.47
N HIS A 192 -0.74 1.47 8.17
CA HIS A 192 0.50 0.73 8.04
C HIS A 192 0.85 0.01 9.34
N GLN A 193 0.60 0.68 10.46
CA GLN A 193 0.86 0.05 11.75
C GLN A 193 -0.09 -1.10 12.04
N THR A 194 -1.33 -1.00 11.54
CA THR A 194 -2.29 -2.08 11.66
C THR A 194 -1.80 -3.31 10.89
N ASN A 195 -1.46 -3.09 9.63
CA ASN A 195 -0.87 -4.13 8.79
C ASN A 195 0.35 -4.75 9.46
N LEU A 196 1.15 -3.91 10.11
CA LEU A 196 2.35 -4.37 10.81
C LEU A 196 1.97 -5.27 11.98
N ILE A 197 0.92 -4.91 12.69
CA ILE A 197 0.41 -5.74 13.78
C ILE A 197 0.08 -7.13 13.26
N LEU A 198 -0.73 -7.16 12.18
CA LEU A 198 -1.13 -8.46 11.62
C LEU A 198 0.05 -9.29 11.12
N GLN A 199 0.98 -8.63 10.44
CA GLN A 199 2.15 -9.31 9.90
C GLN A 199 3.04 -9.86 11.00
N THR A 200 3.14 -9.11 12.10
CA THR A 200 3.94 -9.52 13.25
C THR A 200 3.31 -10.73 13.93
N PHE A 201 1.98 -10.69 14.09
CA PHE A 201 1.26 -11.83 14.65
C PHE A 201 1.39 -13.06 13.75
N LYS A 202 1.49 -12.82 12.45
CA LYS A 202 1.53 -13.91 11.47
C LYS A 202 2.90 -14.59 11.42
N THR A 203 3.96 -13.83 11.66
CA THR A 203 5.32 -14.34 11.51
C THR A 203 5.99 -14.78 12.81
N VAL A 204 5.21 -14.97 13.87
CA VAL A 204 5.75 -15.45 15.13
C VAL A 204 4.99 -16.68 15.62
N GLU B 5 3.72 -7.59 -31.40
CA GLU B 5 3.63 -8.79 -30.59
C GLU B 5 3.82 -8.49 -29.10
N PHE B 6 4.82 -7.67 -28.80
CA PHE B 6 5.12 -7.29 -27.42
C PHE B 6 4.34 -6.05 -27.00
N SER B 7 4.52 -5.67 -25.73
CA SER B 7 3.83 -4.49 -25.19
C SER B 7 4.48 -3.19 -25.67
N GLN B 8 3.66 -2.16 -25.82
CA GLN B 8 4.14 -0.85 -26.23
C GLN B 8 4.88 -0.15 -25.10
N CYS B 9 4.40 -0.38 -23.87
CA CYS B 9 4.90 0.33 -22.69
C CYS B 9 6.36 0.03 -22.36
N LEU B 10 6.91 -1.00 -22.97
CA LEU B 10 8.30 -1.40 -22.73
C LEU B 10 9.29 -0.31 -23.11
N SER B 11 9.02 0.37 -24.22
CA SER B 11 9.91 1.41 -24.71
C SER B 11 9.42 2.80 -24.33
N THR B 12 8.10 2.97 -24.25
CA THR B 12 7.52 4.27 -23.98
C THR B 12 7.46 4.60 -22.48
N LEU B 13 7.40 3.58 -21.65
CA LEU B 13 7.25 3.78 -20.20
C LEU B 13 8.39 3.18 -19.39
N VAL B 14 8.56 1.86 -19.48
CA VAL B 14 9.52 1.14 -18.66
C VAL B 14 10.96 1.65 -18.81
N ARG B 15 11.42 1.74 -20.06
CA ARG B 15 12.81 2.13 -20.34
C ARG B 15 13.20 3.53 -19.83
N PRO B 16 12.44 4.58 -20.21
CA PRO B 16 12.85 5.91 -19.73
C PRO B 16 12.72 6.06 -18.21
N VAL B 17 11.60 5.62 -17.65
CA VAL B 17 11.36 5.70 -16.22
C VAL B 17 12.47 5.00 -15.43
N PHE B 18 12.76 3.75 -15.82
CA PHE B 18 13.81 2.99 -15.15
C PHE B 18 15.20 3.57 -15.38
N GLY B 19 15.38 4.28 -16.49
CA GLY B 19 16.63 4.97 -16.73
C GLY B 19 16.83 6.11 -15.74
N GLU B 20 15.80 6.96 -15.64
CA GLU B 20 15.78 8.06 -14.69
C GLU B 20 16.03 7.57 -13.27
N LEU B 21 15.29 6.56 -12.85
CA LEU B 21 15.41 6.04 -11.50
C LEU B 21 16.76 5.37 -11.24
N LYS B 22 17.26 4.68 -12.25
CA LYS B 22 18.58 4.06 -12.18
C LYS B 22 19.63 5.11 -11.90
N GLU B 23 19.60 6.21 -12.65
CA GLU B 23 20.55 7.29 -12.41
C GLU B 23 20.32 7.96 -11.05
N LYS B 24 19.06 8.02 -10.63
CA LYS B 24 18.70 8.62 -9.35
C LYS B 24 19.34 7.87 -8.17
N HIS B 25 19.31 6.54 -8.24
CA HIS B 25 19.81 5.74 -7.13
C HIS B 25 21.29 5.35 -7.23
N LYS B 26 21.80 5.30 -8.46
CA LYS B 26 23.20 4.95 -8.69
C LYS B 26 24.14 5.99 -8.08
N GLN B 27 23.71 7.25 -8.10
CA GLN B 27 24.54 8.33 -7.60
C GLN B 27 24.15 8.77 -6.19
N SER B 28 23.36 7.93 -5.51
CA SER B 28 22.99 8.18 -4.14
C SER B 28 23.19 6.92 -3.29
N GLY B 29 22.20 6.03 -3.32
CA GLY B 29 22.27 4.79 -2.58
C GLY B 29 23.43 3.91 -2.99
N GLY B 30 23.62 3.74 -4.29
CA GLY B 30 24.76 3.01 -4.81
C GLY B 30 24.43 1.67 -5.46
N SER B 31 23.41 1.00 -4.94
CA SER B 31 23.03 -0.32 -5.45
C SER B 31 21.86 -0.21 -6.44
N VAL B 32 22.10 -0.67 -7.67
CA VAL B 32 21.10 -0.55 -8.72
C VAL B 32 20.90 -1.89 -9.46
N GLY B 33 21.53 -2.94 -8.94
CA GLY B 33 21.43 -4.26 -9.54
C GLY B 33 20.03 -4.84 -9.55
N ALA B 34 19.33 -4.72 -8.42
CA ALA B 34 17.97 -5.25 -8.31
C ALA B 34 16.99 -4.43 -9.13
N LEU B 35 17.27 -3.14 -9.27
CA LEU B 35 16.46 -2.24 -10.08
C LEU B 35 16.52 -2.70 -11.54
N GLU B 36 17.74 -2.93 -12.02
CA GLU B 36 17.96 -3.43 -13.37
C GLU B 36 17.35 -4.81 -13.55
N GLU B 37 17.40 -5.62 -12.49
CA GLU B 37 16.76 -6.94 -12.51
C GLU B 37 15.25 -6.83 -12.64
N LEU B 38 14.68 -5.75 -12.11
CA LEU B 38 13.24 -5.51 -12.21
C LEU B 38 12.88 -5.08 -13.62
N GLU B 39 13.64 -4.12 -14.14
CA GLU B 39 13.46 -3.68 -15.52
C GLU B 39 13.54 -4.86 -16.48
N ASN B 40 14.50 -5.74 -16.24
CA ASN B 40 14.63 -6.95 -17.02
C ASN B 40 13.49 -7.94 -16.76
N ALA B 41 12.96 -7.92 -15.54
CA ALA B 41 11.86 -8.78 -15.17
C ALA B 41 10.63 -8.45 -15.99
N PHE B 42 10.48 -7.18 -16.33
CA PHE B 42 9.42 -6.79 -17.28
C PHE B 42 9.60 -7.51 -18.62
N SER B 43 10.86 -7.61 -19.07
CA SER B 43 11.18 -8.27 -20.33
C SER B 43 10.94 -9.78 -20.27
N LEU B 44 11.34 -10.40 -19.17
CA LEU B 44 11.14 -11.83 -18.98
C LEU B 44 9.65 -12.16 -18.92
N ALA B 45 8.89 -11.30 -18.24
CA ALA B 45 7.45 -11.45 -18.17
C ALA B 45 6.84 -11.31 -19.55
N GLU B 46 7.36 -10.37 -20.34
CA GLU B 46 6.87 -10.16 -21.69
C GLU B 46 7.14 -11.38 -22.57
N GLU B 47 8.31 -11.99 -22.37
CA GLU B 47 8.70 -13.16 -23.13
C GLU B 47 7.86 -14.38 -22.74
N SER B 48 7.53 -14.48 -21.46
CA SER B 48 6.70 -15.57 -20.96
C SER B 48 5.25 -15.39 -21.40
N CYS B 49 4.83 -14.13 -21.53
CA CYS B 49 3.45 -13.82 -21.86
C CYS B 49 3.35 -12.43 -22.51
N PRO B 50 3.40 -12.39 -23.85
CA PRO B 50 3.31 -11.15 -24.62
C PRO B 50 2.07 -10.31 -24.26
N GLY B 51 2.29 -9.03 -23.96
CA GLY B 51 1.20 -8.12 -23.67
C GLY B 51 0.93 -7.91 -22.19
N ILE B 52 1.58 -8.71 -21.33
CA ILE B 52 1.30 -8.66 -19.90
C ILE B 52 1.76 -7.37 -19.22
N SER B 53 2.77 -6.71 -19.78
CA SER B 53 3.24 -5.45 -19.23
C SER B 53 2.23 -4.34 -19.48
N ASP B 54 1.67 -4.32 -20.69
CA ASP B 54 0.59 -3.41 -21.03
C ASP B 54 -0.60 -3.62 -20.09
N LYS B 55 -0.91 -4.88 -19.83
CA LYS B 55 -1.99 -5.22 -18.91
C LYS B 55 -1.68 -4.75 -17.49
N LEU B 56 -0.40 -4.80 -17.12
CA LEU B 56 0.03 -4.30 -15.82
C LEU B 56 -0.22 -2.80 -15.72
N MET B 57 0.15 -2.07 -16.76
CA MET B 57 -0.06 -0.62 -16.80
C MET B 57 -1.55 -0.29 -16.74
N VAL B 58 -2.34 -1.01 -17.53
CA VAL B 58 -3.79 -0.84 -17.54
C VAL B 58 -4.39 -1.06 -16.15
N HIS B 59 -3.98 -2.14 -15.48
CA HIS B 59 -4.47 -2.45 -14.14
C HIS B 59 -4.05 -1.39 -13.12
N LEU B 60 -2.82 -0.91 -13.26
CA LEU B 60 -2.31 0.15 -12.39
C LEU B 60 -3.19 1.39 -12.51
N VAL B 61 -3.32 1.89 -13.73
CA VAL B 61 -4.10 3.09 -13.99
C VAL B 61 -5.56 2.93 -13.57
N GLU B 62 -6.13 1.77 -13.88
CA GLU B 62 -7.49 1.45 -13.45
C GLU B 62 -7.63 1.58 -11.93
N ARG B 63 -6.67 0.99 -11.22
CA ARG B 63 -6.71 1.01 -9.77
C ARG B 63 -6.58 2.41 -9.18
N VAL B 64 -5.61 3.19 -9.67
CA VAL B 64 -5.45 4.55 -9.15
C VAL B 64 -6.63 5.46 -9.51
N GLN B 65 -7.23 5.22 -10.67
CA GLN B 65 -8.37 6.02 -11.10
C GLN B 65 -9.64 5.68 -10.33
N ARG B 66 -9.82 4.40 -10.02
CA ARG B 66 -10.98 3.97 -9.24
C ARG B 66 -11.00 4.63 -7.86
N PHE B 67 -9.81 4.83 -7.29
CA PHE B 67 -9.71 5.37 -5.94
C PHE B 67 -9.15 6.79 -5.90
N SER B 68 -9.48 7.57 -6.94
CA SER B 68 -9.16 8.99 -6.97
C SER B 68 -10.44 9.79 -7.11
N HIS B 69 -10.50 10.93 -6.44
CA HIS B 69 -11.70 11.76 -6.47
C HIS B 69 -11.33 13.25 -6.51
N ASN B 70 -12.27 14.09 -6.10
CA ASN B 70 -12.05 15.54 -6.05
C ASN B 70 -12.68 16.19 -4.83
S SO4 C . 8.54 -1.26 6.99
O1 SO4 C . 9.22 -2.46 7.49
O2 SO4 C . 8.21 -1.43 5.57
O3 SO4 C . 7.32 -1.02 7.76
O4 SO4 C . 9.44 -0.12 7.15
S SO4 D . 10.37 -2.11 2.10
O1 SO4 D . 11.12 -3.04 2.95
O2 SO4 D . 11.26 -1.08 1.59
O3 SO4 D . 9.77 -2.86 1.00
O4 SO4 D . 9.31 -1.48 2.88
S SO4 E . 11.11 4.39 16.94
O1 SO4 E . 12.36 4.84 17.52
O2 SO4 E . 10.10 5.43 17.07
O3 SO4 E . 11.30 4.05 15.54
O4 SO4 E . 10.65 3.20 17.67
S SO4 F . 13.04 -0.63 18.25
O1 SO4 F . 14.48 -0.88 18.25
O2 SO4 F . 12.69 0.21 19.39
O3 SO4 F . 12.66 0.04 17.01
O4 SO4 F . 12.33 -1.91 18.35
S SO4 G . -4.93 -7.07 6.07
O1 SO4 G . -3.80 -7.60 6.82
O2 SO4 G . -4.53 -5.83 5.40
O3 SO4 G . -5.35 -8.03 5.06
O4 SO4 G . -6.04 -6.80 6.99
S SO4 H . -10.05 -7.11 -0.50
O1 SO4 H . -8.63 -7.38 -0.71
O2 SO4 H . -10.68 -6.78 -1.77
O3 SO4 H . -10.69 -8.30 0.06
O4 SO4 H . -10.21 -6.00 0.43
S SO4 I . 12.68 9.62 -2.21
O1 SO4 I . 13.83 8.75 -1.96
O2 SO4 I . 12.67 10.01 -3.61
O3 SO4 I . 11.45 8.93 -1.89
O4 SO4 I . 12.80 10.82 -1.39
#